data_9FVU
#
_entry.id   9FVU
#
_cell.length_a   49.644
_cell.length_b   85.890
_cell.length_c   123.817
_cell.angle_alpha   90.000
_cell.angle_beta   90.000
_cell.angle_gamma   90.000
#
_symmetry.space_group_name_H-M   'P 21 21 21'
#
loop_
_entity.id
_entity.type
_entity.pdbx_description
1 polymer 'Aspartyl/asparaginyl beta-hydroxylase'
2 polymer 'Factor X light chain'
3 non-polymer '2-OXOGLUTARIC ACID'
4 non-polymer 'FE (III) ION'
5 non-polymer DI(HYDROXYETHYL)ETHER
6 non-polymer 'THIOCYANATE ION'
7 water water
#
loop_
_entity_poly.entity_id
_entity_poly.type
_entity_poly.pdbx_seq_one_letter_code
_entity_poly.pdbx_strand_id
1 'polypeptide(L)'
;MAQRKNAKSSGNSSSSGSGSGSTSAGSSSPGARRETKHGGHKNGRKGGLSGTSFFTWFMVIALLGVWTSVAVVWFDLVDY
EEVLGKLGIYDADGDGDFDVDDAKVLLGLKERSTSEPAVPPEEAEPHTEPEEQVPVEAEPQNIEDEAKEQIQSLLHEMVH
AEHVEGEDLQQEDGPTGEPQQEDDEFLMATDVDDRFETLEPEVSHEETEHSYHVEETVSQDCNQDMEEMMSEQENPDSSE
PVVEDERLHHDTDDVTYQVYEEQAVYEPLENEGIEITEVTAPPEDNPVEDSQVIVEEVSIFPVEEQQEVPPETNRKTDDP
EQKAKVKKKKPKLLNKFDKTIKAELDAAEKLRKRGKIEEAVNAFKELVRKYPQSPRARYGKAQCEDDLAEKRRSNEVLRG
AIETYQEVASLPDVPADLLKLSLKRRSDRQQFLGHMRGSLLTLQRLVQLFPNDTSLKNDLGVGYLLIGDNDNAKKVYEEV
LSVTPNDGFAKVHYGFILKAQNKIAESIPYLKEGIESGDPGTDDGRFYFHLGDAMQRVGNKEAYKWYELGHKRGHFASVW
QRSLYNVNGLKAQPWWTPKETGYTELVKSLERNWKLIRDEGLAVMDKAKGLFLPEDENLREKGDWSQFTLWQQGRRNENA
CKGAPKTCTLLEKFPETTGCRRGQIKYSIMHPGTHVWPHTGPTNCRLRMHLGLVIPKEGCKIRCANETKTWEEGKVLIFD
DSFEHEVWQDASSFRLIFIVDVWHPELTPQQRRSLPAI
;
A
2 'polypeptide(L)' DGDQSETSPSQNQGKCKNGLGEYTCTSLEGFEGKNSELF B
#
loop_
_chem_comp.id
_chem_comp.type
_chem_comp.name
_chem_comp.formula
AKG non-polymer '2-OXOGLUTARIC ACID' 'C5 H6 O5'
FE non-polymer 'FE (III) ION' 'Fe 3'
PEG non-polymer DI(HYDROXYETHYL)ETHER 'C4 H10 O3'
SCN non-polymer 'THIOCYANATE ION' 'C N S -1'
#
# COMPACT_ATOMS: atom_id res chain seq x y z
CA LYS A 330 -33.62 -6.65 9.63
C LYS A 330 -33.59 -5.13 9.54
N PRO A 331 -32.86 -4.54 8.54
CA PRO A 331 -32.86 -3.09 8.35
C PRO A 331 -34.21 -2.58 7.90
N LYS A 332 -34.58 -1.41 8.40
CA LYS A 332 -35.87 -0.80 8.01
C LYS A 332 -35.59 0.12 6.82
N LEU A 333 -35.96 -0.31 5.63
CA LEU A 333 -35.63 0.46 4.41
C LEU A 333 -36.89 1.07 3.77
N LEU A 334 -38.07 0.78 4.31
CA LEU A 334 -39.31 1.24 3.65
C LEU A 334 -40.00 2.39 4.41
N ASN A 335 -40.16 3.52 3.74
CA ASN A 335 -40.93 4.64 4.35
C ASN A 335 -42.42 4.32 4.16
N LYS A 336 -43.29 5.20 4.62
CA LYS A 336 -44.75 4.92 4.58
C LYS A 336 -45.19 4.64 3.15
N PHE A 337 -44.85 5.53 2.23
CA PHE A 337 -45.30 5.34 0.84
C PHE A 337 -44.68 4.06 0.28
N ASP A 338 -43.43 3.79 0.63
CA ASP A 338 -42.75 2.62 0.01
C ASP A 338 -43.45 1.33 0.43
N LYS A 339 -43.94 1.30 1.66
CA LYS A 339 -44.69 0.10 2.13
C LYS A 339 -45.92 -0.12 1.25
N THR A 340 -46.46 0.95 0.66
CA THR A 340 -47.68 0.83 -0.16
C THR A 340 -47.35 0.30 -1.53
N ILE A 341 -46.08 0.35 -1.93
CA ILE A 341 -45.64 -0.14 -3.27
C ILE A 341 -44.66 -1.32 -3.10
N LYS A 342 -44.69 -1.99 -1.96
CA LYS A 342 -43.73 -3.09 -1.67
C LYS A 342 -43.79 -4.17 -2.76
N ALA A 343 -44.99 -4.48 -3.24
CA ALA A 343 -45.12 -5.55 -4.25
C ALA A 343 -44.29 -5.22 -5.48
N GLU A 344 -44.35 -3.98 -5.95
CA GLU A 344 -43.57 -3.56 -7.15
C GLU A 344 -42.08 -3.53 -6.77
N LEU A 345 -41.79 -3.00 -5.59
CA LEU A 345 -40.39 -2.94 -5.19
C LEU A 345 -39.78 -4.33 -5.06
N ASP A 346 -40.52 -5.26 -4.45
CA ASP A 346 -40.03 -6.63 -4.32
C ASP A 346 -39.84 -7.28 -5.69
N ALA A 347 -40.76 -7.03 -6.60
CA ALA A 347 -40.68 -7.69 -7.93
C ALA A 347 -39.37 -7.28 -8.63
N ALA A 348 -39.01 -6.01 -8.49
CA ALA A 348 -37.80 -5.51 -9.15
C ALA A 348 -36.56 -6.10 -8.48
N GLU A 349 -36.59 -6.15 -7.16
CA GLU A 349 -35.40 -6.66 -6.43
C GLU A 349 -35.21 -8.15 -6.74
N LYS A 350 -36.30 -8.87 -6.95
CA LYS A 350 -36.22 -10.33 -7.26
C LYS A 350 -35.45 -10.50 -8.57
N LEU A 351 -35.71 -9.64 -9.54
CA LEU A 351 -34.98 -9.70 -10.83
C LEU A 351 -33.48 -9.49 -10.56
N ARG A 352 -33.16 -8.54 -9.68
CA ARG A 352 -31.75 -8.30 -9.39
C ARG A 352 -31.11 -9.53 -8.73
N LYS A 353 -31.80 -10.10 -7.73
CA LYS A 353 -31.23 -11.24 -7.01
C LYS A 353 -31.09 -12.45 -7.92
N ARG A 354 -31.91 -12.55 -8.95
CA ARG A 354 -31.83 -13.70 -9.89
C ARG A 354 -30.76 -13.46 -10.97
N GLY A 355 -30.09 -12.30 -10.96
CA GLY A 355 -29.02 -12.04 -11.93
C GLY A 355 -29.52 -11.45 -13.23
N LYS A 356 -30.81 -11.16 -13.33
CA LYS A 356 -31.34 -10.49 -14.54
C LYS A 356 -31.10 -8.99 -14.34
N ILE A 357 -29.85 -8.58 -14.39
CA ILE A 357 -29.48 -7.17 -14.04
C ILE A 357 -30.12 -6.16 -15.01
N GLU A 358 -30.07 -6.44 -16.31
CA GLU A 358 -30.61 -5.47 -17.29
C GLU A 358 -32.11 -5.31 -17.07
N GLU A 359 -32.80 -6.42 -16.79
CA GLU A 359 -34.26 -6.36 -16.53
C GLU A 359 -34.49 -5.62 -15.21
N ALA A 360 -33.66 -5.89 -14.23
CA ALA A 360 -33.84 -5.25 -12.93
C ALA A 360 -33.60 -3.76 -13.03
N VAL A 361 -32.53 -3.36 -13.70
CA VAL A 361 -32.29 -1.95 -13.98
C VAL A 361 -33.54 -1.30 -14.57
N ASN A 362 -34.10 -1.93 -15.61
CA ASN A 362 -35.27 -1.38 -16.26
C ASN A 362 -36.47 -1.32 -15.32
N ALA A 363 -36.64 -2.35 -14.50
CA ALA A 363 -37.76 -2.37 -13.56
C ALA A 363 -37.64 -1.22 -12.56
N PHE A 364 -36.45 -1.01 -12.01
CA PHE A 364 -36.27 0.07 -11.04
C PHE A 364 -36.29 1.43 -11.72
N LYS A 365 -35.78 1.52 -12.96
CA LYS A 365 -35.91 2.77 -13.71
C LYS A 365 -37.37 3.14 -13.90
N GLU A 366 -38.22 2.14 -14.18
CA GLU A 366 -39.65 2.40 -14.29
C GLU A 366 -40.23 2.84 -12.96
N LEU A 367 -39.82 2.22 -11.88
CA LEU A 367 -40.34 2.61 -10.54
C LEU A 367 -39.90 4.05 -10.22
N VAL A 368 -38.68 4.40 -10.58
CA VAL A 368 -38.15 5.76 -10.29
C VAL A 368 -38.96 6.75 -11.13
N ARG A 369 -39.30 6.37 -12.35
CA ARG A 369 -40.18 7.23 -13.19
C ARG A 369 -41.53 7.44 -12.52
N LYS A 370 -42.27 6.36 -12.25
CA LYS A 370 -43.63 6.45 -11.64
C LYS A 370 -43.59 7.03 -10.23
N TYR A 371 -42.58 6.68 -9.45
CA TYR A 371 -42.50 7.12 -8.03
C TYR A 371 -41.16 7.80 -7.82
N PRO A 372 -40.97 9.02 -8.40
CA PRO A 372 -39.67 9.68 -8.32
C PRO A 372 -39.15 9.97 -6.93
N GLN A 373 -40.02 9.95 -5.93
CA GLN A 373 -39.59 10.28 -4.55
C GLN A 373 -39.34 9.01 -3.74
N SER A 374 -39.52 7.83 -4.34
CA SER A 374 -39.36 6.57 -3.56
C SER A 374 -37.89 6.35 -3.20
N PRO A 375 -37.52 6.33 -1.92
CA PRO A 375 -36.11 6.03 -1.59
C PRO A 375 -35.72 4.60 -1.89
N ARG A 376 -36.63 3.63 -1.70
CA ARG A 376 -36.28 2.24 -1.97
C ARG A 376 -36.14 2.00 -3.46
N ALA A 377 -36.98 2.64 -4.28
CA ALA A 377 -36.81 2.52 -5.72
C ALA A 377 -35.48 3.10 -6.17
N ARG A 378 -35.12 4.27 -5.63
CA ARG A 378 -33.85 4.89 -6.00
C ARG A 378 -32.67 4.02 -5.57
N TYR A 379 -32.76 3.42 -4.40
CA TYR A 379 -31.67 2.54 -3.90
C TYR A 379 -31.57 1.29 -4.78
N GLY A 380 -32.73 0.79 -5.20
CA GLY A 380 -32.71 -0.34 -6.09
C GLY A 380 -32.06 -0.02 -7.42
N LYS A 381 -32.35 1.16 -7.97
CA LYS A 381 -31.68 1.57 -9.20
C LYS A 381 -30.18 1.61 -9.00
N ALA A 382 -29.73 2.21 -7.88
CA ALA A 382 -28.31 2.30 -7.61
C ALA A 382 -27.67 0.93 -7.45
N GLN A 383 -28.35 0.03 -6.75
CA GLN A 383 -27.80 -1.32 -6.56
C GLN A 383 -27.68 -2.05 -7.89
N CYS A 384 -28.66 -1.87 -8.78
CA CYS A 384 -28.60 -2.51 -10.09
C CYS A 384 -27.48 -1.91 -10.93
N GLU A 385 -27.30 -0.60 -10.88
CA GLU A 385 -26.17 0.02 -11.62
C GLU A 385 -24.86 -0.53 -11.06
N ASP A 386 -24.81 -0.73 -9.75
CA ASP A 386 -23.59 -1.26 -9.09
C ASP A 386 -23.31 -2.65 -9.65
N ASP A 387 -24.32 -3.51 -9.65
CA ASP A 387 -24.17 -4.88 -10.18
C ASP A 387 -23.81 -4.82 -11.67
N LEU A 388 -24.45 -3.90 -12.39
CA LEU A 388 -24.17 -3.80 -13.82
C LEU A 388 -22.73 -3.37 -14.04
N ALA A 389 -22.23 -2.44 -13.23
CA ALA A 389 -20.83 -2.03 -13.32
C ALA A 389 -19.91 -3.23 -13.11
N GLU A 390 -20.24 -4.09 -12.14
CA GLU A 390 -19.47 -5.32 -11.95
C GLU A 390 -19.56 -6.21 -13.19
N LYS A 391 -20.76 -6.38 -13.74
CA LYS A 391 -20.91 -7.24 -14.91
C LYS A 391 -20.10 -6.71 -16.09
N ARG A 392 -20.16 -5.41 -16.33
CA ARG A 392 -19.49 -4.81 -17.52
C ARG A 392 -18.07 -4.34 -17.19
N ARG A 393 -17.65 -4.49 -15.94
CA ARG A 393 -16.33 -3.98 -15.49
C ARG A 393 -16.18 -2.52 -15.97
N SER A 394 -17.22 -1.70 -15.74
CA SER A 394 -17.21 -0.29 -16.22
C SER A 394 -17.15 0.72 -15.07
N ASN A 395 -16.12 1.55 -15.05
CA ASN A 395 -16.01 2.64 -14.05
C ASN A 395 -17.14 3.66 -14.27
N GLU A 396 -17.52 3.92 -15.53
CA GLU A 396 -18.54 4.95 -15.82
C GLU A 396 -19.91 4.50 -15.29
N VAL A 397 -20.24 3.23 -15.51
CA VAL A 397 -21.52 2.70 -14.97
C VAL A 397 -21.48 2.88 -13.45
N LEU A 398 -20.34 2.58 -12.85
CA LEU A 398 -20.21 2.71 -11.38
C LEU A 398 -20.38 4.17 -10.95
N ARG A 399 -19.85 5.09 -11.76
CA ARG A 399 -19.99 6.53 -11.43
C ARG A 399 -21.47 6.89 -11.39
N GLY A 400 -22.26 6.29 -12.27
CA GLY A 400 -23.71 6.52 -12.25
C GLY A 400 -24.31 6.02 -10.94
N ALA A 401 -23.94 4.81 -10.55
CA ALA A 401 -24.46 4.24 -9.29
C ALA A 401 -24.11 5.17 -8.13
N ILE A 402 -22.87 5.66 -8.10
CA ILE A 402 -22.38 6.56 -7.02
C ILE A 402 -23.30 7.79 -6.92
N GLU A 403 -23.70 8.32 -8.08
CA GLU A 403 -24.61 9.49 -8.09
C GLU A 403 -25.99 9.07 -7.57
N THR A 404 -26.50 7.94 -8.03
CA THR A 404 -27.83 7.50 -7.60
C THR A 404 -27.82 7.21 -6.10
N TYR A 405 -26.73 6.62 -5.59
CA TYR A 405 -26.68 6.43 -4.14
C TYR A 405 -26.81 7.77 -3.41
N GLN A 406 -26.25 8.84 -3.97
CA GLN A 406 -26.39 10.18 -3.34
C GLN A 406 -27.84 10.70 -3.49
N GLU A 407 -28.46 10.42 -4.63
CA GLU A 407 -29.85 10.87 -4.88
C GLU A 407 -30.77 10.31 -3.79
N VAL A 408 -30.53 9.06 -3.39
CA VAL A 408 -31.36 8.44 -2.32
C VAL A 408 -31.37 9.38 -1.12
N ALA A 409 -30.20 9.88 -0.75
CA ALA A 409 -30.07 10.73 0.45
C ALA A 409 -30.76 12.08 0.28
N SER A 410 -30.98 12.48 -0.96
CA SER A 410 -31.60 13.81 -1.22
C SER A 410 -33.12 13.69 -1.22
N LEU A 411 -33.64 12.47 -1.25
CA LEU A 411 -35.10 12.29 -1.35
C LEU A 411 -35.77 12.58 -0.02
N PRO A 412 -37.07 12.93 -0.01
CA PRO A 412 -37.77 13.12 1.23
C PRO A 412 -38.09 11.86 2.02
N ASP A 413 -38.05 11.96 3.35
CA ASP A 413 -38.52 10.84 4.20
C ASP A 413 -37.71 9.56 3.96
N VAL A 414 -36.39 9.68 3.87
CA VAL A 414 -35.54 8.47 3.71
C VAL A 414 -35.34 7.80 5.07
N PRO A 415 -35.66 6.50 5.25
CA PRO A 415 -35.38 5.83 6.53
C PRO A 415 -33.90 5.87 6.87
N ALA A 416 -33.62 5.93 8.18
CA ALA A 416 -32.24 6.12 8.64
C ALA A 416 -31.35 4.97 8.19
N ASP A 417 -31.83 3.72 8.29
CA ASP A 417 -31.00 2.59 7.90
C ASP A 417 -30.65 2.66 6.41
N LEU A 418 -31.60 3.08 5.58
CA LEU A 418 -31.36 3.15 4.12
C LEU A 418 -30.37 4.28 3.83
N LEU A 419 -30.55 5.41 4.49
CA LEU A 419 -29.65 6.56 4.25
C LEU A 419 -28.19 6.13 4.51
N LYS A 420 -27.97 5.43 5.61
CA LYS A 420 -26.59 5.02 5.96
C LYS A 420 -26.05 4.03 4.93
N LEU A 421 -26.85 3.02 4.59
CA LEU A 421 -26.42 1.99 3.63
C LEU A 421 -26.05 2.65 2.29
N SER A 422 -26.89 3.56 1.84
CA SER A 422 -26.67 4.20 0.52
C SER A 422 -25.37 5.02 0.53
N LEU A 423 -25.18 5.83 1.56
CA LEU A 423 -24.00 6.72 1.56
C LEU A 423 -22.73 5.90 1.86
N LYS A 424 -22.86 4.85 2.65
CA LYS A 424 -21.69 4.00 2.95
C LYS A 424 -21.23 3.33 1.64
N ARG A 425 -22.17 2.77 0.90
CA ARG A 425 -21.78 2.15 -0.36
C ARG A 425 -21.24 3.17 -1.35
N ARG A 426 -21.83 4.37 -1.36
CA ARG A 426 -21.29 5.44 -2.20
C ARG A 426 -19.81 5.67 -1.89
N SER A 427 -19.50 5.89 -0.60
CA SER A 427 -18.10 6.14 -0.21
C SER A 427 -17.21 4.96 -0.60
N ASP A 428 -17.67 3.73 -0.34
CA ASP A 428 -16.88 2.55 -0.66
C ASP A 428 -16.58 2.46 -2.15
N ARG A 429 -17.59 2.70 -2.99
CA ARG A 429 -17.36 2.64 -4.43
C ARG A 429 -16.51 3.80 -4.92
N GLN A 430 -16.65 4.99 -4.32
CA GLN A 430 -15.75 6.09 -4.64
C GLN A 430 -14.30 5.72 -4.35
N GLN A 431 -14.07 5.04 -3.24
CA GLN A 431 -12.69 4.59 -2.90
C GLN A 431 -12.20 3.59 -3.95
N PHE A 432 -13.03 2.64 -4.35
CA PHE A 432 -12.66 1.64 -5.37
C PHE A 432 -12.18 2.35 -6.63
N LEU A 433 -12.85 3.43 -6.99
CA LEU A 433 -12.51 4.17 -8.24
C LEU A 433 -11.29 5.08 -8.03
N GLY A 434 -10.88 5.30 -6.77
CA GLY A 434 -9.76 6.21 -6.49
C GLY A 434 -10.20 7.63 -6.28
N HIS A 435 -11.50 7.83 -6.14
CA HIS A 435 -12.05 9.18 -5.83
C HIS A 435 -11.97 9.33 -4.31
N MET A 436 -10.76 9.54 -3.81
CA MET A 436 -10.56 9.58 -2.34
C MET A 436 -11.13 10.87 -1.69
N ARG A 437 -11.03 12.01 -2.35
CA ARG A 437 -11.60 13.26 -1.81
C ARG A 437 -13.13 13.19 -1.83
N GLY A 438 -13.67 12.52 -2.84
CA GLY A 438 -15.13 12.33 -2.91
C GLY A 438 -15.60 11.44 -1.78
N SER A 439 -14.90 10.33 -1.54
CA SER A 439 -15.25 9.45 -0.40
C SER A 439 -15.18 10.24 0.91
N LEU A 440 -14.17 11.09 1.04
N LEU A 440 -14.15 11.09 1.05
CA LEU A 440 -13.99 11.88 2.29
CA LEU A 440 -13.99 11.88 2.28
C LEU A 440 -15.22 12.75 2.53
C LEU A 440 -15.23 12.73 2.52
N LEU A 441 -15.69 13.43 1.48
CA LEU A 441 -16.88 14.30 1.63
C LEU A 441 -18.09 13.43 2.01
N THR A 442 -18.20 12.25 1.40
CA THR A 442 -19.31 11.38 1.75
C THR A 442 -19.20 10.90 3.18
N LEU A 443 -17.99 10.59 3.62
CA LEU A 443 -17.81 10.08 5.00
C LEU A 443 -18.05 11.22 6.01
N GLN A 444 -17.66 12.43 5.64
CA GLN A 444 -17.89 13.60 6.51
C GLN A 444 -19.41 13.80 6.69
N ARG A 445 -20.14 13.70 5.59
CA ARG A 445 -21.62 13.83 5.66
C ARG A 445 -22.20 12.74 6.57
N LEU A 446 -21.73 11.51 6.43
CA LEU A 446 -22.25 10.39 7.26
C LEU A 446 -22.05 10.71 8.74
N VAL A 447 -20.90 11.23 9.10
CA VAL A 447 -20.61 11.49 10.55
C VAL A 447 -21.52 12.64 11.04
N GLN A 448 -21.79 13.61 10.17
CA GLN A 448 -22.66 14.74 10.55
C GLN A 448 -24.10 14.24 10.73
N LEU A 449 -24.53 13.30 9.90
CA LEU A 449 -25.92 12.79 9.94
C LEU A 449 -26.08 11.79 11.09
N PHE A 450 -25.03 11.06 11.45
CA PHE A 450 -25.10 10.02 12.48
C PHE A 450 -23.98 10.28 13.49
N PRO A 451 -24.12 11.33 14.34
CA PRO A 451 -23.02 11.74 15.21
C PRO A 451 -22.63 10.76 16.28
N ASN A 452 -23.46 9.78 16.55
CA ASN A 452 -23.17 8.83 17.63
C ASN A 452 -22.68 7.50 17.07
N ASP A 453 -22.56 7.40 15.75
CA ASP A 453 -22.06 6.16 15.11
C ASP A 453 -20.52 6.22 15.12
N THR A 454 -19.89 5.43 15.99
N THR A 454 -19.89 5.43 15.99
CA THR A 454 -18.41 5.42 16.09
CA THR A 454 -18.42 5.44 16.09
C THR A 454 -17.81 4.74 14.89
C THR A 454 -17.81 4.73 14.90
N SER A 455 -18.53 3.76 14.33
CA SER A 455 -18.03 3.02 13.14
C SER A 455 -17.81 4.01 11.99
N LEU A 456 -18.71 4.97 11.85
CA LEU A 456 -18.62 5.93 10.71
C LEU A 456 -17.40 6.84 10.90
N LYS A 457 -17.09 7.21 12.14
CA LYS A 457 -15.88 8.02 12.40
C LYS A 457 -14.65 7.15 12.06
N ASN A 458 -14.66 5.90 12.49
CA ASN A 458 -13.55 4.98 12.12
C ASN A 458 -13.38 4.95 10.60
N ASP A 459 -14.50 4.87 9.87
CA ASP A 459 -14.43 4.85 8.39
C ASP A 459 -13.88 6.18 7.86
N LEU A 460 -14.22 7.30 8.50
CA LEU A 460 -13.68 8.62 8.08
C LEU A 460 -12.15 8.62 8.26
N GLY A 461 -11.69 8.09 9.38
CA GLY A 461 -10.23 8.02 9.61
C GLY A 461 -9.55 7.27 8.49
N VAL A 462 -10.15 6.17 8.04
CA VAL A 462 -9.57 5.37 6.92
C VAL A 462 -9.56 6.27 5.68
N GLY A 463 -10.64 7.02 5.48
CA GLY A 463 -10.63 7.94 4.35
C GLY A 463 -9.45 8.88 4.36
N TYR A 464 -9.15 9.46 5.54
CA TYR A 464 -8.00 10.35 5.64
C TYR A 464 -6.70 9.60 5.43
N LEU A 465 -6.60 8.39 5.97
CA LEU A 465 -5.39 7.61 5.78
C LEU A 465 -5.16 7.29 4.31
N LEU A 466 -6.23 7.04 3.55
CA LEU A 466 -6.07 6.67 2.15
C LEU A 466 -5.58 7.83 1.31
N ILE A 467 -5.90 9.06 1.72
CA ILE A 467 -5.44 10.30 0.99
C ILE A 467 -4.10 10.78 1.56
N GLY A 468 -3.59 10.12 2.59
CA GLY A 468 -2.29 10.47 3.14
C GLY A 468 -2.35 11.53 4.21
N ASP A 469 -3.54 11.85 4.71
CA ASP A 469 -3.71 12.91 5.71
C ASP A 469 -3.70 12.28 7.10
N ASN A 470 -2.50 11.93 7.55
CA ASN A 470 -2.35 11.29 8.85
C ASN A 470 -2.72 12.23 10.00
N ASP A 471 -2.52 13.54 9.81
CA ASP A 471 -2.84 14.49 10.88
C ASP A 471 -4.33 14.50 11.18
N ASN A 472 -5.17 14.56 10.14
CA ASN A 472 -6.61 14.55 10.36
C ASN A 472 -7.09 13.17 10.78
N ALA A 473 -6.51 12.11 10.22
CA ALA A 473 -6.88 10.77 10.67
C ALA A 473 -6.60 10.60 12.17
N LYS A 474 -5.46 11.12 12.64
CA LYS A 474 -5.12 11.01 14.05
C LYS A 474 -6.18 11.69 14.92
N LYS A 475 -6.64 12.87 14.49
CA LYS A 475 -7.66 13.58 15.26
C LYS A 475 -8.97 12.82 15.30
N VAL A 476 -9.29 12.14 14.20
CA VAL A 476 -10.56 11.34 14.17
C VAL A 476 -10.45 10.21 15.21
N TYR A 477 -9.33 9.48 15.21
CA TYR A 477 -9.25 8.35 16.13
C TYR A 477 -9.10 8.82 17.57
N GLU A 478 -8.53 10.00 17.81
CA GLU A 478 -8.54 10.57 19.15
C GLU A 478 -9.97 10.88 19.60
N GLU A 479 -10.82 11.35 18.68
CA GLU A 479 -12.24 11.59 19.01
C GLU A 479 -12.91 10.26 19.38
N VAL A 480 -12.67 9.23 18.58
CA VAL A 480 -13.33 7.92 18.83
C VAL A 480 -12.86 7.41 20.21
N LEU A 481 -11.56 7.45 20.45
CA LEU A 481 -11.03 6.88 21.71
C LEU A 481 -11.46 7.72 22.92
N SER A 482 -11.83 8.98 22.70
CA SER A 482 -12.35 9.83 23.81
C SER A 482 -13.70 9.31 24.30
N VAL A 483 -14.48 8.65 23.44
CA VAL A 483 -15.85 8.19 23.82
C VAL A 483 -15.81 6.68 24.05
N THR A 484 -15.12 5.95 23.19
CA THR A 484 -15.00 4.49 23.30
C THR A 484 -13.53 4.15 23.42
N PRO A 485 -12.92 4.25 24.61
CA PRO A 485 -11.45 4.07 24.69
C PRO A 485 -10.98 2.68 24.27
N ASN A 486 -11.85 1.67 24.32
CA ASN A 486 -11.43 0.31 24.04
C ASN A 486 -11.90 -0.20 22.67
N ASP A 487 -12.25 0.72 21.77
CA ASP A 487 -12.50 0.37 20.38
C ASP A 487 -11.21 -0.11 19.73
N GLY A 488 -11.13 -1.40 19.39
CA GLY A 488 -9.89 -1.97 18.91
C GLY A 488 -9.52 -1.53 17.51
N PHE A 489 -10.51 -1.30 16.65
CA PHE A 489 -10.26 -0.73 15.34
C PHE A 489 -9.57 0.62 15.47
N ALA A 490 -10.09 1.49 16.32
CA ALA A 490 -9.48 2.79 16.53
C ALA A 490 -8.10 2.66 17.15
N LYS A 491 -7.92 1.69 18.05
CA LYS A 491 -6.61 1.51 18.69
C LYS A 491 -5.55 1.12 17.66
N VAL A 492 -5.82 0.12 16.81
CA VAL A 492 -4.77 -0.30 15.87
C VAL A 492 -4.46 0.82 14.89
N HIS A 493 -5.47 1.58 14.48
CA HIS A 493 -5.23 2.63 13.50
C HIS A 493 -4.51 3.82 14.15
N TYR A 494 -4.89 4.19 15.37
CA TYR A 494 -4.13 5.18 16.12
C TYR A 494 -2.68 4.72 16.30
N GLY A 495 -2.49 3.44 16.66
CA GLY A 495 -1.15 2.91 16.78
C GLY A 495 -0.38 2.97 15.48
N PHE A 496 -1.03 2.63 14.37
CA PHE A 496 -0.38 2.72 13.07
C PHE A 496 0.13 4.14 12.80
N ILE A 497 -0.71 5.15 13.11
CA ILE A 497 -0.32 6.54 12.88
C ILE A 497 0.84 6.92 13.77
N LEU A 498 0.77 6.56 15.04
CA LEU A 498 1.88 6.88 15.98
C LEU A 498 3.19 6.28 15.44
N LYS A 499 3.15 5.03 14.98
CA LYS A 499 4.37 4.35 14.49
C LYS A 499 4.90 5.11 13.27
N ALA A 500 3.99 5.49 12.38
CA ALA A 500 4.40 6.22 11.17
C ALA A 500 5.08 7.53 11.57
N GLN A 501 4.67 8.14 12.67
CA GLN A 501 5.28 9.39 13.14
C GLN A 501 6.51 9.15 14.00
N ASN A 502 6.99 7.92 14.09
CA ASN A 502 8.16 7.53 14.87
C ASN A 502 7.95 7.65 16.37
N LYS A 503 6.69 7.58 16.79
CA LYS A 503 6.36 7.51 18.24
C LYS A 503 6.28 6.01 18.53
N ILE A 504 7.43 5.34 18.50
CA ILE A 504 7.48 3.86 18.57
C ILE A 504 6.93 3.32 19.90
N ALA A 505 7.49 3.78 21.00
CA ALA A 505 7.06 3.27 22.32
C ALA A 505 5.56 3.50 22.49
N GLU A 506 5.11 4.70 22.14
CA GLU A 506 3.68 5.03 22.34
C GLU A 506 2.80 4.15 21.47
N SER A 507 3.33 3.71 20.33
CA SER A 507 2.46 2.96 19.41
C SER A 507 2.23 1.54 19.86
N ILE A 508 3.15 0.97 20.64
CA ILE A 508 3.09 -0.47 20.93
C ILE A 508 1.81 -0.86 21.67
N PRO A 509 1.44 -0.21 22.78
CA PRO A 509 0.22 -0.65 23.49
C PRO A 509 -1.04 -0.51 22.65
N TYR A 510 -1.11 0.50 21.77
CA TYR A 510 -2.29 0.63 20.92
C TYR A 510 -2.34 -0.49 19.89
N LEU A 511 -1.23 -0.75 19.20
CA LEU A 511 -1.21 -1.84 18.23
C LEU A 511 -1.49 -3.18 18.90
N LYS A 512 -0.86 -3.42 20.05
CA LYS A 512 -1.01 -4.71 20.74
C LYS A 512 -2.43 -4.90 21.27
N GLU A 513 -2.94 -3.93 22.03
CA GLU A 513 -4.29 -4.07 22.57
C GLU A 513 -5.33 -4.10 21.46
N GLY A 514 -5.10 -3.34 20.39
CA GLY A 514 -6.03 -3.38 19.27
C GLY A 514 -6.10 -4.74 18.62
N ILE A 515 -4.94 -5.34 18.34
CA ILE A 515 -4.93 -6.69 17.78
C ILE A 515 -5.59 -7.67 18.75
N GLU A 516 -5.23 -7.56 20.04
CA GLU A 516 -5.79 -8.49 21.02
C GLU A 516 -7.28 -8.34 21.20
N SER A 517 -7.86 -7.19 20.85
CA SER A 517 -9.29 -7.01 20.99
C SER A 517 -10.07 -7.99 20.10
N GLY A 518 -9.49 -8.39 18.98
CA GLY A 518 -10.22 -9.19 18.03
C GLY A 518 -11.36 -8.48 17.35
N ASP A 519 -11.48 -7.16 17.52
CA ASP A 519 -12.57 -6.44 16.89
C ASP A 519 -12.45 -6.54 15.37
N PRO A 520 -13.57 -6.56 14.65
CA PRO A 520 -13.51 -6.59 13.18
C PRO A 520 -12.59 -5.50 12.65
N GLY A 521 -11.73 -5.88 11.72
CA GLY A 521 -10.81 -4.96 11.09
C GLY A 521 -9.42 -4.94 11.69
N THR A 522 -9.22 -5.60 12.84
CA THR A 522 -7.92 -5.57 13.51
C THR A 522 -7.02 -6.73 13.10
N ASP A 523 -7.57 -7.81 12.55
CA ASP A 523 -6.80 -8.98 12.13
C ASP A 523 -6.22 -8.72 10.74
N ASP A 524 -5.19 -7.86 10.72
CA ASP A 524 -4.69 -7.24 9.50
C ASP A 524 -3.17 -7.24 9.54
N GLY A 525 -2.55 -7.73 8.47
CA GLY A 525 -1.11 -7.90 8.47
C GLY A 525 -0.34 -6.62 8.71
N ARG A 526 -0.93 -5.48 8.34
CA ARG A 526 -0.26 -4.21 8.56
C ARG A 526 0.00 -3.95 10.03
N PHE A 527 -0.92 -4.36 10.91
CA PHE A 527 -0.76 -4.09 12.33
C PHE A 527 0.18 -5.08 12.98
N TYR A 528 0.14 -6.34 12.56
CA TYR A 528 1.15 -7.30 13.01
C TYR A 528 2.53 -6.86 12.55
N PHE A 529 2.64 -6.42 11.29
CA PHE A 529 3.92 -6.00 10.75
C PHE A 529 4.52 -4.88 11.61
N HIS A 530 3.72 -3.87 11.93
CA HIS A 530 4.25 -2.69 12.59
C HIS A 530 4.35 -2.87 14.10
N LEU A 531 3.52 -3.72 14.70
CA LEU A 531 3.72 -4.04 16.11
C LEU A 531 5.07 -4.73 16.32
N GLY A 532 5.34 -5.76 15.52
CA GLY A 532 6.61 -6.45 15.66
C GLY A 532 7.80 -5.55 15.37
N ASP A 533 7.68 -4.68 14.37
CA ASP A 533 8.77 -3.78 14.05
C ASP A 533 9.00 -2.76 15.16
N ALA A 534 7.92 -2.19 15.70
CA ALA A 534 8.09 -1.27 16.84
C ALA A 534 8.76 -1.97 18.00
N MET A 535 8.37 -3.22 18.27
CA MET A 535 9.02 -3.98 19.33
C MET A 535 10.49 -4.20 19.05
N GLN A 536 10.83 -4.54 17.80
CA GLN A 536 12.24 -4.74 17.47
C GLN A 536 13.04 -3.46 17.71
N ARG A 537 12.46 -2.31 17.39
CA ARG A 537 13.20 -1.06 17.51
C ARG A 537 13.46 -0.68 18.97
N VAL A 538 12.61 -1.11 19.90
CA VAL A 538 12.85 -0.84 21.32
C VAL A 538 13.49 -2.02 22.03
N GLY A 539 13.84 -3.08 21.31
CA GLY A 539 14.52 -4.20 21.93
C GLY A 539 13.63 -5.16 22.69
N ASN A 540 12.32 -5.13 22.43
CA ASN A 540 11.39 -6.07 23.03
C ASN A 540 11.47 -7.39 22.28
N LYS A 541 11.93 -8.44 22.96
CA LYS A 541 12.15 -9.74 22.31
C LYS A 541 10.85 -10.47 21.99
N GLU A 542 9.69 -9.93 22.37
CA GLU A 542 8.43 -10.56 22.00
C GLU A 542 8.09 -10.35 20.53
N ALA A 543 8.84 -9.51 19.82
CA ALA A 543 8.48 -9.18 18.44
C ALA A 543 8.17 -10.42 17.62
N TYR A 544 8.99 -11.46 17.75
CA TYR A 544 8.89 -12.61 16.86
C TYR A 544 7.77 -13.56 17.23
N LYS A 545 7.27 -13.49 18.47
CA LYS A 545 6.03 -14.19 18.78
C LYS A 545 4.87 -13.58 18.00
N TRP A 546 4.89 -12.27 17.77
CA TRP A 546 3.86 -11.63 16.97
C TRP A 546 4.04 -11.91 15.48
N TYR A 547 5.28 -12.02 15.02
CA TYR A 547 5.52 -12.45 13.64
C TYR A 547 5.06 -13.90 13.45
N GLU A 548 5.29 -14.75 14.45
CA GLU A 548 4.82 -16.13 14.38
C GLU A 548 3.31 -16.18 14.28
N LEU A 549 2.62 -15.41 15.12
CA LEU A 549 1.15 -15.40 15.07
C LEU A 549 0.65 -14.84 13.75
N GLY A 550 1.26 -13.75 13.28
CA GLY A 550 0.89 -13.20 12.00
C GLY A 550 1.05 -14.20 10.86
N HIS A 551 2.08 -15.03 10.94
CA HIS A 551 2.24 -16.10 9.97
C HIS A 551 1.17 -17.17 10.14
N LYS A 552 0.90 -17.58 11.38
CA LYS A 552 -0.10 -18.61 11.60
C LYS A 552 -1.47 -18.15 11.13
N ARG A 553 -1.76 -16.86 11.22
CA ARG A 553 -3.05 -16.33 10.77
C ARG A 553 -3.07 -15.96 9.30
N GLY A 554 -1.98 -16.22 8.57
CA GLY A 554 -1.97 -16.09 7.13
C GLY A 554 -1.50 -14.76 6.58
N HIS A 555 -0.99 -13.88 7.44
CA HIS A 555 -0.60 -12.54 6.95
C HIS A 555 0.80 -12.54 6.34
N PHE A 556 1.68 -13.41 6.81
CA PHE A 556 3.07 -13.45 6.35
C PHE A 556 3.35 -14.83 5.76
N ALA A 557 4.12 -14.85 4.65
CA ALA A 557 4.56 -16.13 4.09
C ALA A 557 5.39 -16.90 5.09
N SER A 558 6.20 -16.20 5.88
CA SER A 558 6.98 -16.80 6.93
C SER A 558 7.30 -15.72 7.95
N VAL A 559 7.93 -16.11 9.06
CA VAL A 559 8.34 -15.13 10.10
C VAL A 559 9.44 -14.21 9.55
N TRP A 560 10.21 -14.71 8.59
CA TRP A 560 11.33 -13.90 8.05
C TRP A 560 10.85 -13.04 6.87
N GLN A 561 9.86 -13.52 6.12
CA GLN A 561 9.42 -12.84 4.91
C GLN A 561 8.03 -12.27 5.14
N ARG A 562 7.96 -10.95 5.31
CA ARG A 562 6.77 -10.31 5.86
C ARG A 562 6.17 -9.26 4.94
N SER A 563 6.51 -9.30 3.66
CA SER A 563 5.85 -8.44 2.68
C SER A 563 4.35 -8.76 2.63
N LEU A 564 3.58 -7.74 2.24
CA LEU A 564 2.13 -7.83 2.26
C LEU A 564 1.48 -7.75 0.88
N TYR A 565 2.26 -7.48 -0.18
CA TYR A 565 1.76 -7.40 -1.55
C TYR A 565 2.44 -8.50 -2.35
N ASN A 566 1.88 -9.71 -2.27
CA ASN A 566 2.57 -10.90 -2.72
C ASN A 566 1.80 -11.65 -3.80
N VAL A 567 2.56 -12.35 -4.64
CA VAL A 567 2.06 -13.44 -5.46
C VAL A 567 2.47 -14.73 -4.76
N ASN A 568 1.48 -15.53 -4.36
CA ASN A 568 1.79 -16.73 -3.60
C ASN A 568 2.55 -17.73 -4.47
N GLY A 569 3.52 -18.42 -3.86
CA GLY A 569 4.19 -19.53 -4.50
C GLY A 569 5.51 -19.19 -5.16
N LEU A 570 5.86 -17.91 -5.28
CA LEU A 570 7.15 -17.56 -5.85
C LEU A 570 8.28 -18.06 -4.96
N LYS A 571 9.33 -18.61 -5.57
CA LYS A 571 10.47 -19.17 -4.82
C LYS A 571 10.93 -18.18 -3.75
N ALA A 572 11.03 -18.64 -2.51
CA ALA A 572 11.35 -17.74 -1.38
C ALA A 572 12.72 -18.10 -0.80
N GLN A 573 13.70 -17.21 -1.02
CA GLN A 573 15.09 -17.47 -0.57
C GLN A 573 15.72 -16.09 -0.29
N PRO A 574 16.38 -15.91 0.87
CA PRO A 574 16.95 -14.61 1.18
C PRO A 574 18.03 -14.17 0.19
N TRP A 575 18.93 -15.08 -0.18
CA TRP A 575 20.05 -14.76 -1.05
C TRP A 575 19.96 -15.56 -2.35
N TRP A 576 20.30 -14.91 -3.46
CA TRP A 576 20.22 -15.50 -4.78
C TRP A 576 21.55 -15.36 -5.51
N THR A 577 21.88 -16.36 -6.33
CA THR A 577 23.00 -16.20 -7.25
C THR A 577 22.50 -15.65 -8.58
N PRO A 578 23.38 -15.02 -9.37
CA PRO A 578 22.97 -14.61 -10.73
C PRO A 578 22.35 -15.75 -11.54
N LYS A 579 22.97 -16.92 -11.55
CA LYS A 579 22.44 -18.02 -12.36
C LYS A 579 21.06 -18.44 -11.86
N GLU A 580 20.83 -18.38 -10.55
CA GLU A 580 19.51 -18.74 -10.03
C GLU A 580 18.43 -17.77 -10.53
N THR A 581 18.78 -16.50 -10.72
CA THR A 581 17.79 -15.54 -11.21
C THR A 581 17.54 -15.67 -12.71
N GLY A 582 18.50 -16.20 -13.46
CA GLY A 582 18.45 -16.20 -14.91
C GLY A 582 18.85 -14.88 -15.54
N TYR A 583 19.09 -13.85 -14.75
CA TYR A 583 19.44 -12.53 -15.28
C TYR A 583 20.94 -12.36 -15.41
N THR A 584 21.59 -13.37 -16.01
CA THR A 584 23.04 -13.35 -16.12
C THR A 584 23.54 -12.29 -17.08
N GLU A 585 22.80 -12.00 -18.15
CA GLU A 585 23.26 -10.97 -19.07
C GLU A 585 23.25 -9.59 -18.40
N LEU A 586 22.22 -9.32 -17.59
CA LEU A 586 22.19 -8.07 -16.83
C LEU A 586 23.36 -8.00 -15.85
N VAL A 587 23.58 -9.08 -15.09
CA VAL A 587 24.69 -9.09 -14.13
C VAL A 587 26.02 -8.93 -14.85
N LYS A 588 26.22 -9.60 -15.99
CA LYS A 588 27.48 -9.42 -16.72
C LYS A 588 27.66 -7.97 -17.15
N SER A 589 26.59 -7.32 -17.58
CA SER A 589 26.69 -5.94 -18.01
C SER A 589 27.02 -5.01 -16.85
N LEU A 590 26.40 -5.22 -15.70
CA LEU A 590 26.73 -4.40 -14.54
C LEU A 590 28.18 -4.59 -14.12
N GLU A 591 28.65 -5.83 -14.09
CA GLU A 591 30.01 -6.09 -13.61
C GLU A 591 31.07 -5.67 -14.64
N ARG A 592 30.80 -5.89 -15.93
CA ARG A 592 31.78 -5.48 -16.94
C ARG A 592 31.91 -3.96 -17.01
N ASN A 593 30.80 -3.25 -16.81
CA ASN A 593 30.75 -1.79 -16.98
C ASN A 593 30.62 -1.06 -15.65
N TRP A 594 31.03 -1.67 -14.55
CA TRP A 594 30.77 -1.05 -13.25
C TRP A 594 31.46 0.30 -13.10
N LYS A 595 32.60 0.51 -13.76
CA LYS A 595 33.34 1.75 -13.51
C LYS A 595 32.63 2.96 -14.10
N LEU A 596 31.92 2.79 -15.21
CA LEU A 596 31.17 3.96 -15.77
C LEU A 596 30.00 4.31 -14.84
N ILE A 597 29.38 3.29 -14.26
CA ILE A 597 28.30 3.52 -13.31
C ILE A 597 28.85 4.22 -12.08
N ARG A 598 29.97 3.74 -11.55
CA ARG A 598 30.62 4.41 -10.42
C ARG A 598 30.93 5.86 -10.78
N ASP A 599 31.60 6.08 -11.92
CA ASP A 599 32.08 7.41 -12.24
C ASP A 599 30.93 8.42 -12.38
N GLU A 600 29.81 8.00 -12.98
CA GLU A 600 28.67 8.92 -13.06
C GLU A 600 28.10 9.20 -11.68
N GLY A 601 28.10 8.20 -10.79
CA GLY A 601 27.66 8.43 -9.43
C GLY A 601 28.57 9.40 -8.68
N LEU A 602 29.88 9.25 -8.85
CA LEU A 602 30.81 10.17 -8.21
C LEU A 602 30.66 11.58 -8.76
N ALA A 603 30.45 11.70 -10.08
CA ALA A 603 30.26 13.02 -10.67
C ALA A 603 29.04 13.72 -10.09
N VAL A 604 27.96 12.97 -9.87
CA VAL A 604 26.77 13.54 -9.23
C VAL A 604 27.09 13.93 -7.80
N MET A 605 27.82 13.08 -7.08
CA MET A 605 28.23 13.44 -5.72
C MET A 605 29.03 14.73 -5.70
N ASP A 606 29.90 14.93 -6.70
CA ASP A 606 30.79 16.09 -6.70
C ASP A 606 30.14 17.34 -7.24
N LYS A 607 29.25 17.22 -8.22
CA LYS A 607 28.76 18.37 -8.95
C LYS A 607 27.25 18.52 -8.97
N ALA A 608 26.49 17.56 -8.45
CA ALA A 608 25.03 17.66 -8.45
C ALA A 608 24.49 16.90 -7.25
N LYS A 609 25.05 17.16 -6.06
CA LYS A 609 24.78 16.29 -4.92
C LYS A 609 23.34 16.39 -4.45
N GLY A 610 22.62 17.44 -4.82
CA GLY A 610 21.20 17.54 -4.52
C GLY A 610 20.32 16.53 -5.23
N LEU A 611 20.84 15.79 -6.21
CA LEU A 611 20.10 14.70 -6.80
C LEU A 611 20.05 13.48 -5.89
N PHE A 612 20.92 13.42 -4.89
CA PHE A 612 20.81 12.40 -3.84
C PHE A 612 19.83 12.89 -2.78
N LEU A 613 18.73 12.18 -2.62
CA LEU A 613 17.70 12.58 -1.65
C LEU A 613 17.79 11.71 -0.42
N PRO A 614 17.71 12.27 0.78
CA PRO A 614 17.79 11.43 1.99
C PRO A 614 16.66 10.41 2.04
N GLU A 615 17.00 9.22 2.54
CA GLU A 615 15.99 8.20 2.80
C GLU A 615 14.88 8.77 3.67
N ASP A 616 13.63 8.47 3.29
CA ASP A 616 12.48 9.16 3.87
C ASP A 616 11.37 8.20 4.30
N GLU A 617 11.74 7.00 4.75
CA GLU A 617 10.76 6.00 5.18
C GLU A 617 11.00 5.57 6.62
N ASN A 618 11.73 6.37 7.39
CA ASN A 618 11.99 6.11 8.81
C ASN A 618 12.70 4.79 9.04
N LEU A 619 13.60 4.43 8.13
CA LEU A 619 14.32 3.17 8.23
C LEU A 619 15.69 3.30 8.86
N ARG A 620 16.11 4.51 9.23
CA ARG A 620 17.42 4.71 9.87
C ARG A 620 17.27 4.86 11.38
N GLU A 621 18.09 4.12 12.13
CA GLU A 621 18.28 4.47 13.53
C GLU A 621 19.09 5.76 13.64
N LYS A 622 20.08 5.92 12.77
CA LYS A 622 21.07 6.98 12.85
C LYS A 622 21.87 6.98 11.57
N GLY A 623 22.53 8.10 11.30
CA GLY A 623 23.44 8.19 10.18
C GLY A 623 22.82 8.85 8.97
N ASP A 624 23.59 8.84 7.88
CA ASP A 624 23.27 9.55 6.66
C ASP A 624 23.22 8.57 5.49
N TRP A 625 22.06 8.54 4.82
CA TRP A 625 21.79 7.58 3.77
C TRP A 625 20.89 8.25 2.73
N SER A 626 21.32 8.29 1.48
CA SER A 626 20.63 9.01 0.43
C SER A 626 20.66 8.20 -0.85
N GLN A 627 19.61 8.49 -1.62
N GLN A 627 19.60 8.48 -1.62
CA GLN A 627 19.40 7.76 -2.88
CA GLN A 627 19.38 7.74 -2.87
C GLN A 627 19.14 8.69 -4.07
C GLN A 627 19.13 8.68 -4.08
N PHE A 628 19.77 8.38 -5.17
CA PHE A 628 19.67 9.03 -6.52
C PHE A 628 18.92 8.07 -7.43
N THR A 629 17.65 8.36 -7.72
CA THR A 629 16.81 7.37 -8.39
C THR A 629 16.68 7.66 -9.88
N LEU A 630 16.96 6.64 -10.69
CA LEU A 630 16.89 6.77 -12.17
C LEU A 630 15.55 6.23 -12.68
N TRP A 631 15.08 5.13 -12.08
CA TRP A 631 13.80 4.51 -12.45
C TRP A 631 12.99 4.20 -11.20
N GLN A 632 11.69 4.44 -11.27
CA GLN A 632 10.78 4.08 -10.16
C GLN A 632 9.45 3.64 -10.79
N GLN A 633 8.88 2.54 -10.31
CA GLN A 633 7.60 2.05 -10.82
C GLN A 633 7.64 1.83 -12.33
N GLY A 634 8.80 1.40 -12.82
CA GLY A 634 8.96 1.12 -14.23
C GLY A 634 8.98 2.33 -15.11
N ARG A 635 9.23 3.51 -14.53
CA ARG A 635 9.19 4.77 -15.25
C ARG A 635 10.54 5.48 -15.13
N ARG A 636 11.12 5.83 -16.26
CA ARG A 636 12.41 6.53 -16.26
C ARG A 636 12.24 7.98 -15.82
N ASN A 637 13.11 8.42 -14.90
N ASN A 637 13.11 8.42 -14.90
CA ASN A 637 13.14 9.85 -14.50
CA ASN A 637 13.15 9.85 -14.50
C ASN A 637 14.06 10.54 -15.51
C ASN A 637 14.06 10.54 -15.51
N GLU A 638 13.49 11.32 -16.41
CA GLU A 638 14.29 11.89 -17.49
C GLU A 638 15.34 12.86 -16.96
N ASN A 639 14.97 13.70 -15.99
CA ASN A 639 15.95 14.66 -15.46
C ASN A 639 17.07 13.93 -14.74
N ALA A 640 16.75 12.89 -13.97
CA ALA A 640 17.79 12.13 -13.28
C ALA A 640 18.73 11.47 -14.28
N CYS A 641 18.19 10.97 -15.38
CA CYS A 641 19.03 10.30 -16.37
C CYS A 641 19.93 11.29 -17.11
N LYS A 642 19.62 12.58 -17.06
CA LYS A 642 20.58 13.57 -17.55
C LYS A 642 21.85 13.57 -16.71
N GLY A 643 21.77 13.15 -15.44
CA GLY A 643 22.91 13.08 -14.57
C GLY A 643 23.68 11.81 -14.60
N ALA A 644 23.11 10.77 -15.21
CA ALA A 644 23.78 9.49 -15.38
C ALA A 644 23.41 8.93 -16.75
N PRO A 645 23.75 9.68 -17.82
CA PRO A 645 23.22 9.31 -19.15
C PRO A 645 23.78 8.01 -19.67
N LYS A 646 25.06 7.71 -19.42
CA LYS A 646 25.60 6.45 -19.92
C LYS A 646 25.02 5.26 -19.17
N THR A 647 24.85 5.42 -17.85
CA THR A 647 24.23 4.36 -17.05
C THR A 647 22.80 4.10 -17.48
N CYS A 648 22.05 5.16 -17.78
CA CYS A 648 20.67 4.97 -18.22
C CYS A 648 20.63 4.32 -19.60
N THR A 649 21.58 4.70 -20.47
CA THR A 649 21.67 4.08 -21.78
C THR A 649 22.00 2.59 -21.66
N LEU A 650 22.93 2.25 -20.78
CA LEU A 650 23.30 0.86 -20.55
C LEU A 650 22.08 0.06 -20.09
N LEU A 651 21.32 0.61 -19.14
CA LEU A 651 20.26 -0.13 -18.48
C LEU A 651 19.01 -0.29 -19.33
N GLU A 652 18.81 0.56 -20.34
CA GLU A 652 17.61 0.50 -21.14
C GLU A 652 17.50 -0.80 -21.93
N LYS A 653 18.58 -1.56 -22.05
CA LYS A 653 18.57 -2.85 -22.78
C LYS A 653 18.00 -3.98 -21.92
N PHE A 654 17.61 -3.69 -20.68
CA PHE A 654 17.18 -4.74 -19.74
C PHE A 654 15.81 -4.39 -19.17
N PRO A 655 14.75 -4.68 -19.92
CA PRO A 655 13.40 -4.39 -19.38
C PRO A 655 13.05 -5.21 -18.14
N GLU A 656 13.80 -6.27 -17.83
CA GLU A 656 13.54 -7.00 -16.59
C GLU A 656 13.74 -6.13 -15.37
N THR A 657 14.47 -5.03 -15.52
CA THR A 657 14.64 -4.05 -14.43
C THR A 657 13.93 -2.75 -14.78
N THR A 658 14.09 -2.24 -16.01
CA THR A 658 13.50 -0.93 -16.36
C THR A 658 11.98 -1.02 -16.32
N GLY A 659 11.43 -2.21 -16.54
CA GLY A 659 9.98 -2.40 -16.56
C GLY A 659 9.46 -3.02 -15.28
N CYS A 660 10.30 -3.09 -14.25
CA CYS A 660 9.87 -3.62 -12.96
C CYS A 660 9.08 -2.53 -12.24
N ARG A 661 7.76 -2.57 -12.36
CA ARG A 661 6.89 -1.56 -11.78
C ARG A 661 6.73 -1.74 -10.28
N ARG A 662 7.36 -2.74 -9.70
CA ARG A 662 7.42 -2.91 -8.24
C ARG A 662 8.86 -2.80 -7.75
N GLY A 663 9.68 -2.01 -8.42
CA GLY A 663 11.06 -1.83 -7.99
C GLY A 663 11.60 -0.50 -8.47
N GLN A 664 12.87 -0.26 -8.15
CA GLN A 664 13.57 0.95 -8.55
C GLN A 664 14.94 0.61 -9.12
N ILE A 665 15.56 1.60 -9.74
CA ILE A 665 16.97 1.60 -10.12
C ILE A 665 17.56 2.88 -9.55
N LYS A 666 18.58 2.76 -8.70
CA LYS A 666 19.02 3.95 -7.98
C LYS A 666 20.41 3.75 -7.41
N TYR A 667 21.16 4.85 -7.36
CA TYR A 667 22.36 4.91 -6.55
C TYR A 667 21.99 5.06 -5.08
N SER A 668 22.78 4.44 -4.21
CA SER A 668 22.56 4.52 -2.77
C SER A 668 23.90 4.77 -2.09
N ILE A 669 24.01 5.90 -1.41
CA ILE A 669 25.21 6.24 -0.65
C ILE A 669 24.90 6.12 0.83
N MET A 670 25.84 5.54 1.58
CA MET A 670 25.71 5.41 3.03
C MET A 670 27.04 5.79 3.66
N HIS A 671 26.97 6.57 4.74
CA HIS A 671 28.15 7.11 5.38
C HIS A 671 28.39 6.49 6.75
N PRO A 672 29.60 6.63 7.29
CA PRO A 672 29.89 6.00 8.59
C PRO A 672 28.97 6.50 9.69
N GLY A 673 28.72 5.63 10.65
CA GLY A 673 27.79 5.93 11.72
C GLY A 673 26.35 5.65 11.38
N THR A 674 26.09 4.89 10.34
CA THR A 674 24.73 4.60 9.90
C THR A 674 24.35 3.19 10.31
N HIS A 675 23.17 3.06 10.91
CA HIS A 675 22.54 1.77 11.13
C HIS A 675 21.14 1.85 10.55
N VAL A 676 20.84 0.94 9.62
CA VAL A 676 19.52 0.81 9.04
C VAL A 676 18.76 -0.25 9.83
N TRP A 677 17.61 0.13 10.37
CA TRP A 677 16.79 -0.77 11.14
C TRP A 677 16.46 -2.04 10.36
N PRO A 678 16.36 -3.20 11.00
CA PRO A 678 15.73 -4.35 10.31
C PRO A 678 14.40 -3.94 9.70
N HIS A 679 14.19 -4.33 8.45
CA HIS A 679 12.95 -4.00 7.77
C HIS A 679 12.75 -4.96 6.61
N THR A 680 11.53 -4.93 6.05
CA THR A 680 11.18 -5.73 4.86
C THR A 680 10.56 -4.79 3.84
N GLY A 681 10.75 -5.10 2.56
CA GLY A 681 10.11 -4.37 1.51
C GLY A 681 8.66 -4.80 1.39
N PRO A 682 7.90 -4.12 0.55
CA PRO A 682 6.44 -4.37 0.52
C PRO A 682 6.01 -5.59 -0.26
N THR A 683 6.86 -6.20 -1.09
CA THR A 683 6.38 -7.18 -2.05
C THR A 683 7.40 -8.28 -2.32
N ASN A 684 6.92 -9.49 -2.54
CA ASN A 684 7.78 -10.60 -2.93
C ASN A 684 7.96 -10.69 -4.43
N CYS A 685 7.48 -9.70 -5.18
CA CYS A 685 7.46 -9.74 -6.63
C CYS A 685 8.73 -9.19 -7.26
N ARG A 686 9.70 -8.78 -6.46
CA ARG A 686 10.97 -8.31 -6.98
C ARG A 686 12.12 -8.96 -6.22
N LEU A 687 13.27 -9.01 -6.89
CA LEU A 687 14.56 -9.26 -6.26
C LEU A 687 15.40 -8.01 -6.41
N ARG A 688 16.35 -7.83 -5.48
CA ARG A 688 17.12 -6.60 -5.38
C ARG A 688 18.58 -6.92 -5.60
N MET A 689 19.14 -6.32 -6.64
CA MET A 689 20.58 -6.49 -6.92
C MET A 689 21.36 -5.29 -6.40
N HIS A 690 22.53 -5.55 -5.85
CA HIS A 690 23.42 -4.46 -5.38
C HIS A 690 24.75 -4.58 -6.13
N LEU A 691 25.13 -3.54 -6.88
CA LEU A 691 26.46 -3.48 -7.52
C LEU A 691 27.38 -2.62 -6.64
N GLY A 692 28.47 -3.19 -6.15
CA GLY A 692 29.40 -2.41 -5.36
C GLY A 692 30.15 -1.41 -6.23
N LEU A 693 30.17 -0.14 -5.81
CA LEU A 693 30.89 0.89 -6.55
C LEU A 693 32.08 1.48 -5.81
N VAL A 694 31.89 1.91 -4.57
CA VAL A 694 32.96 2.34 -3.69
C VAL A 694 32.69 1.67 -2.37
N ILE A 695 33.49 0.67 -2.03
CA ILE A 695 33.26 -0.14 -0.83
C ILE A 695 34.49 -0.03 0.05
N PRO A 696 34.42 0.65 1.18
CA PRO A 696 35.56 0.65 2.12
C PRO A 696 35.96 -0.77 2.50
N LYS A 697 37.23 -0.94 2.85
CA LYS A 697 37.73 -2.29 3.07
C LYS A 697 37.16 -2.90 4.35
N GLU A 698 36.76 -2.08 5.32
CA GLU A 698 36.18 -2.56 6.57
C GLU A 698 34.93 -1.76 6.91
N GLY A 699 34.01 -2.40 7.62
CA GLY A 699 32.95 -1.69 8.34
C GLY A 699 31.57 -1.73 7.74
N CYS A 700 31.41 -2.23 6.51
CA CYS A 700 30.11 -2.23 5.84
C CYS A 700 29.62 -3.65 5.69
N LYS A 701 28.39 -3.91 6.10
CA LYS A 701 27.81 -5.24 5.87
C LYS A 701 26.29 -5.16 5.85
N ILE A 702 25.69 -6.20 5.29
CA ILE A 702 24.25 -6.31 5.14
C ILE A 702 23.82 -7.71 5.56
N ARG A 703 22.83 -7.78 6.43
CA ARG A 703 22.22 -9.04 6.83
C ARG A 703 20.88 -9.18 6.11
N CYS A 704 20.63 -10.36 5.55
CA CYS A 704 19.29 -10.75 5.09
C CYS A 704 18.93 -12.07 5.75
N ALA A 705 17.79 -12.10 6.45
CA ALA A 705 17.38 -13.27 7.25
C ALA A 705 18.53 -13.55 8.21
N ASN A 706 19.04 -14.77 8.28
CA ASN A 706 20.06 -15.13 9.25
C ASN A 706 21.48 -15.04 8.71
N GLU A 707 21.67 -14.45 7.53
CA GLU A 707 22.94 -14.51 6.82
C GLU A 707 23.45 -13.12 6.49
N THR A 708 24.70 -12.85 6.84
CA THR A 708 25.31 -11.54 6.64
C THR A 708 26.40 -11.63 5.59
N LYS A 709 26.47 -10.61 4.74
CA LYS A 709 27.45 -10.55 3.66
C LYS A 709 28.04 -9.15 3.59
N THR A 710 29.06 -8.99 2.75
CA THR A 710 29.61 -7.68 2.43
C THR A 710 29.66 -7.51 0.92
N TRP A 711 29.80 -6.25 0.49
CA TRP A 711 29.89 -5.91 -0.92
C TRP A 711 31.35 -5.97 -1.39
N GLU A 712 31.52 -6.10 -2.72
CA GLU A 712 32.82 -5.98 -3.37
C GLU A 712 32.66 -5.01 -4.54
N GLU A 713 33.68 -4.17 -4.75
CA GLU A 713 33.65 -3.24 -5.86
C GLU A 713 33.61 -4.00 -7.17
N GLY A 714 32.64 -3.65 -8.01
CA GLY A 714 32.48 -4.27 -9.30
C GLY A 714 31.76 -5.60 -9.30
N LYS A 715 31.17 -6.00 -8.18
CA LYS A 715 30.48 -7.29 -8.08
C LYS A 715 29.05 -7.07 -7.63
N VAL A 716 28.17 -7.98 -8.07
CA VAL A 716 26.75 -7.92 -7.78
C VAL A 716 26.40 -8.93 -6.68
N LEU A 717 25.68 -8.46 -5.68
CA LEU A 717 24.96 -9.31 -4.73
C LEU A 717 23.47 -9.24 -5.04
N ILE A 718 22.74 -10.31 -4.76
CA ILE A 718 21.31 -10.38 -5.02
C ILE A 718 20.61 -10.95 -3.80
N PHE A 719 19.64 -10.21 -3.27
CA PHE A 719 18.81 -10.74 -2.19
C PHE A 719 17.34 -10.42 -2.46
N ASP A 720 16.49 -11.08 -1.68
CA ASP A 720 15.04 -10.81 -1.73
C ASP A 720 14.71 -9.89 -0.55
N ASP A 721 14.39 -8.62 -0.84
CA ASP A 721 14.18 -7.63 0.24
C ASP A 721 12.83 -7.83 0.93
N SER A 722 12.05 -8.82 0.48
CA SER A 722 10.80 -9.18 1.19
C SER A 722 11.20 -9.89 2.50
N PHE A 723 12.43 -10.43 2.56
CA PHE A 723 12.95 -10.96 3.80
C PHE A 723 13.53 -9.82 4.64
N GLU A 724 13.42 -9.96 5.96
CA GLU A 724 14.00 -8.95 6.85
C GLU A 724 15.49 -8.79 6.57
N HIS A 725 15.92 -7.54 6.44
CA HIS A 725 17.33 -7.23 6.22
C HIS A 725 17.71 -5.97 6.98
N GLU A 726 19.03 -5.79 7.15
CA GLU A 726 19.59 -4.83 8.09
C GLU A 726 20.96 -4.45 7.55
N VAL A 727 21.35 -3.20 7.76
CA VAL A 727 22.62 -2.71 7.21
C VAL A 727 23.34 -1.86 8.25
N TRP A 728 24.67 -2.00 8.25
CA TRP A 728 25.54 -1.20 9.11
C TRP A 728 26.62 -0.52 8.28
N GLN A 729 26.97 0.70 8.64
CA GLN A 729 28.08 1.44 7.97
C GLN A 729 28.99 2.00 9.08
N ASP A 730 30.11 1.31 9.35
CA ASP A 730 31.06 1.73 10.41
C ASP A 730 32.47 1.86 9.82
N ALA A 731 32.56 2.23 8.54
CA ALA A 731 33.85 2.43 7.89
C ALA A 731 34.39 3.82 8.25
N SER A 732 35.41 4.27 7.51
CA SER A 732 35.98 5.60 7.73
C SER A 732 35.89 6.46 6.47
N SER A 733 34.97 6.13 5.57
CA SER A 733 34.72 6.89 4.35
C SER A 733 33.39 6.39 3.77
N PHE A 734 32.95 7.02 2.68
CA PHE A 734 31.63 6.74 2.16
C PHE A 734 31.58 5.38 1.44
N ARG A 735 30.38 4.82 1.37
CA ARG A 735 30.12 3.58 0.68
C ARG A 735 29.02 3.82 -0.36
N LEU A 736 29.33 3.58 -1.62
CA LEU A 736 28.39 3.81 -2.72
C LEU A 736 28.07 2.50 -3.42
N ILE A 737 26.78 2.20 -3.56
CA ILE A 737 26.34 1.06 -4.34
C ILE A 737 25.30 1.51 -5.37
N PHE A 738 24.98 0.60 -6.29
CA PHE A 738 23.97 0.78 -7.32
C PHE A 738 22.94 -0.31 -7.10
N ILE A 739 21.68 0.08 -6.89
CA ILE A 739 20.60 -0.86 -6.57
C ILE A 739 19.74 -1.04 -7.81
N VAL A 740 19.58 -2.28 -8.25
CA VAL A 740 18.84 -2.61 -9.45
C VAL A 740 17.81 -3.67 -9.09
N ASP A 741 16.53 -3.29 -9.09
CA ASP A 741 15.44 -4.25 -8.86
C ASP A 741 15.02 -4.94 -10.15
N VAL A 742 14.76 -6.24 -10.05
CA VAL A 742 14.25 -7.02 -11.18
C VAL A 742 12.97 -7.72 -10.75
N TRP A 743 12.11 -8.00 -11.74
CA TRP A 743 10.96 -8.84 -11.46
C TRP A 743 11.44 -10.19 -10.94
N HIS A 744 10.68 -10.78 -9.99
CA HIS A 744 10.95 -12.15 -9.61
C HIS A 744 10.97 -13.02 -10.86
N PRO A 745 11.99 -13.87 -11.04
CA PRO A 745 12.12 -14.59 -12.33
C PRO A 745 11.00 -15.55 -12.63
N GLU A 746 10.22 -15.99 -11.64
CA GLU A 746 9.15 -16.96 -11.88
C GLU A 746 7.83 -16.28 -12.24
N LEU A 747 7.76 -14.95 -12.19
CA LEU A 747 6.57 -14.25 -12.65
C LEU A 747 6.52 -14.29 -14.17
N THR A 748 5.38 -14.72 -14.70
CA THR A 748 5.22 -14.77 -16.15
C THR A 748 5.06 -13.36 -16.71
N PRO A 749 5.25 -13.19 -18.03
CA PRO A 749 4.99 -11.86 -18.62
C PRO A 749 3.58 -11.38 -18.37
N GLN A 750 2.63 -12.30 -18.32
CA GLN A 750 1.23 -11.89 -18.08
C GLN A 750 1.16 -11.21 -16.71
N GLN A 751 1.73 -11.86 -15.71
CA GLN A 751 1.70 -11.29 -14.36
C GLN A 751 2.46 -9.96 -14.31
N ARG A 752 3.61 -9.89 -14.96
CA ARG A 752 4.40 -8.66 -14.92
C ARG A 752 3.67 -7.49 -15.57
N ARG A 753 2.73 -7.76 -16.47
CA ARG A 753 1.99 -6.70 -17.13
C ARG A 753 0.79 -6.24 -16.32
N SER A 754 0.26 -7.09 -15.43
CA SER A 754 -1.02 -6.84 -14.79
C SER A 754 -0.93 -6.47 -13.32
N LEU A 755 0.19 -6.71 -12.66
CA LEU A 755 0.31 -6.39 -11.24
C LEU A 755 0.29 -4.87 -11.06
N PRO A 756 -0.47 -4.33 -10.10
CA PRO A 756 -0.41 -2.88 -9.86
C PRO A 756 0.98 -2.47 -9.39
N ALA A 757 1.40 -1.29 -9.85
CA ALA A 757 2.71 -0.76 -9.48
C ALA A 757 2.79 -0.52 -7.97
N ILE A 758 4.00 -0.69 -7.44
CA ILE A 758 4.31 -0.32 -6.08
C ILE A 758 5.58 0.52 -6.09
N GLY B 14 2.68 9.29 -0.40
CA GLY B 14 3.98 8.66 -0.41
C GLY B 14 3.93 7.26 -0.99
N LYS B 15 5.08 6.75 -1.41
CA LYS B 15 5.18 5.45 -2.03
C LYS B 15 5.94 4.49 -1.12
N CYS B 16 5.54 3.22 -1.18
CA CYS B 16 6.22 2.14 -0.46
C CYS B 16 7.42 1.67 -1.29
N LYS B 17 8.43 2.54 -1.36
CA LYS B 17 9.58 2.22 -2.18
C LYS B 17 10.34 1.04 -1.59
N ASN B 18 10.70 1.18 -0.30
N ASN B 18 10.70 1.19 -0.30
CA ASN B 18 11.54 0.19 0.40
CA ASN B 18 11.57 0.20 0.39
C ASN B 18 10.96 -0.44 1.67
C ASN B 18 10.92 -0.48 1.62
N GLY B 19 9.85 0.07 2.22
CA GLY B 19 9.23 -0.60 3.33
C GLY B 19 7.72 -0.62 3.16
N LEU B 20 7.02 -0.77 4.27
CA LEU B 20 5.56 -0.84 4.30
C LEU B 20 5.02 0.28 5.18
N GLY B 21 5.57 1.48 5.02
CA GLY B 21 5.26 2.57 5.94
C GLY B 21 3.94 3.26 5.68
N GLU B 22 3.42 3.17 4.46
CA GLU B 22 2.15 3.80 4.12
C GLU B 22 0.99 2.84 4.42
N TYR B 23 -0.18 3.43 4.66
CA TYR B 23 -1.36 2.62 4.94
C TYR B 23 -1.68 1.70 3.77
N THR B 24 -1.60 2.21 2.54
CA THR B 24 -1.74 1.40 1.33
C THR B 24 -0.60 1.75 0.40
N CYS B 25 -0.15 0.74 -0.36
CA CYS B 25 1.00 0.89 -1.24
C CYS B 25 0.65 0.95 -2.72
N THR B 26 -0.60 0.68 -3.08
CA THR B 26 -1.03 0.70 -4.48
C THR B 26 -2.09 1.78 -4.67
N SER B 27 -2.25 2.21 -5.92
CA SER B 27 -3.23 3.21 -6.27
C SER B 27 -4.56 2.54 -6.62
N LEU B 28 -5.65 3.26 -6.43
CA LEU B 28 -6.99 2.78 -6.72
C LEU B 28 -7.45 3.37 -8.05
N GLU B 29 -7.78 2.50 -9.01
CA GLU B 29 -8.20 2.93 -10.34
C GLU B 29 -9.44 2.19 -10.83
N GLY B 30 -10.27 1.68 -9.92
CA GLY B 30 -11.47 0.98 -10.33
C GLY B 30 -11.16 -0.31 -11.07
N PHE B 31 -11.91 -0.54 -12.14
CA PHE B 31 -11.79 -1.78 -12.90
C PHE B 31 -10.60 -1.76 -13.86
C1 AKG C . 18.05 -2.33 0.56
O1 AKG C . 18.76 -2.39 -0.44
O2 AKG C . 16.88 -2.69 0.53
C2 AKG C . 18.56 -1.87 1.66
O5 AKG C . 17.87 -1.75 2.68
C3 AKG C . 20.02 -1.49 1.80
C4 AKG C . 20.37 -0.20 1.08
C5 AKG C . 21.84 0.16 1.10
O3 AKG C . 22.18 1.23 0.59
O4 AKG C . 22.62 -0.64 1.64
FE FE D . 15.77 -2.34 2.31
C1 PEG E . -7.97 -12.52 20.33
O1 PEG E . -9.35 -12.38 20.58
C2 PEG E . -7.64 -12.48 18.88
O2 PEG E . -6.48 -11.68 18.67
C3 PEG E . -5.29 -12.45 18.60
C4 PEG E . -4.30 -11.94 19.59
O4 PEG E . -3.46 -12.97 20.09
C1 PEG F . 15.66 -18.29 6.49
O1 PEG F . 14.94 -18.50 5.31
C2 PEG F . 15.85 -19.55 7.27
O2 PEG F . 16.40 -19.25 8.54
C3 PEG F . 15.84 -20.06 9.58
C4 PEG F . 16.18 -19.48 10.91
O4 PEG F . 15.03 -19.25 11.70
C1 PEG G . 14.39 -16.75 13.86
O1 PEG G . 13.19 -17.38 13.47
C2 PEG G . 14.17 -15.34 14.31
O2 PEG G . 14.60 -15.20 15.66
C1 PEG H . 11.81 -19.41 -14.47
O1 PEG H . 11.47 -20.65 -13.88
C2 PEG H . 12.92 -18.72 -13.75
O2 PEG H . 14.18 -19.19 -14.21
C3 PEG H . 15.28 -18.61 -13.52
C4 PEG H . 16.48 -19.48 -13.62
O4 PEG H . 16.89 -19.66 -14.96
C1 PEG I . 16.69 9.14 12.24
O1 PEG I . 15.74 9.66 13.16
C2 PEG I . 18.02 9.77 12.40
O2 PEG I . 18.78 9.60 11.21
C3 PEG I . 18.67 10.70 10.32
C4 PEG I . 19.64 11.77 10.70
O4 PEG I . 19.45 12.95 9.97
C1 PEG J . 31.04 14.86 -2.52
O1 PEG J . 29.67 14.73 -2.22
C2 PEG J . 31.40 16.25 -2.93
O2 PEG J . 32.72 16.27 -3.45
C3 PEG J . 33.02 17.50 -4.10
C4 PEG J . 34.37 17.97 -3.70
O4 PEG J . 35.05 18.59 -4.76
C1 PEG K . 28.88 -11.13 10.70
O1 PEG K . 27.98 -10.20 11.27
C2 PEG K . 30.04 -10.47 10.03
O2 PEG K . 29.98 -10.70 8.62
C3 PEG K . 30.55 -9.65 7.86
C4 PEG K . 30.34 -9.91 6.40
O4 PEG K . 30.43 -11.28 6.08
C1 PEG L . 27.37 -5.43 14.63
O1 PEG L . 27.92 -4.40 13.86
C2 PEG L . 27.18 -6.67 13.84
O2 PEG L . 25.80 -6.87 13.59
C3 PEG L . 25.30 -8.07 14.16
C4 PEG L . 25.96 -9.24 13.50
O4 PEG L . 25.84 -9.22 12.10
S SCN M . 17.20 1.67 -0.16
C SCN M . 16.25 0.63 0.95
N SCN M . 15.64 -0.11 1.63
#